data_5G02
#
_entry.id   5G02
#
_cell.length_a   147.994
_cell.length_b   147.994
_cell.length_c   127.690
_cell.angle_alpha   90.00
_cell.angle_beta   90.00
_cell.angle_gamma   120.00
#
_symmetry.space_group_name_H-M   'H 3 2'
#
loop_
_entity.id
_entity.type
_entity.pdbx_description
1 polymer 'PROTEIN ARGININE METHYLTRANSFERASE 2'
2 non-polymer SINEFUNGIN
3 non-polymer '2-(N-MORPHOLINO)-ETHANESULFONIC ACID'
4 non-polymer 1,2-ETHANEDIOL
5 non-polymer 'LITHIUM ION'
6 water water
#
_entity_poly.entity_id   1
_entity_poly.type   'polypeptide(L)'
_entity_poly.pdbx_seq_one_letter_code
;TEDMEDAWQDDEYFGNYGTLRLHLEMLSDKPRTETYRQVILSNSAALREKVVLDLGCGTGVISLFCALLAKPAGVYAVEA
SSMAEHTEELVKQNGCDGVVTVFQERAENLTLPTKVDVLVSEWMGNCLLFEYMLESVLLARDRWLKKGGMMWPSSACLTI
VPCQAFSDYRQKVEFWENPYGLNFSYLQSLAQKEFLSKPKFSHHLQPEDCLSTPADVITLDMVTIQVSDLERLKGEFTFT
VEKSGMFHGFTVWFSAHFQCLEEDGPSIELNTGPYSEITHWKQTLFMLDAPVSVEEGDIIAGSIRLQRNPIWRRHLSITF
LWNINSTEVSTVKTKCFPMWR
;
_entity_poly.pdbx_strand_id   A
#
loop_
_chem_comp.id
_chem_comp.type
_chem_comp.name
_chem_comp.formula
EDO non-polymer 1,2-ETHANEDIOL 'C2 H6 O2'
LI non-polymer 'LITHIUM ION' 'Li 1'
MES non-polymer '2-(N-MORPHOLINO)-ETHANESULFONIC ACID' 'C6 H13 N O4 S'
SFG non-polymer SINEFUNGIN 'C15 H23 N7 O5'
#
# COMPACT_ATOMS: atom_id res chain seq x y z
N GLU A 5 1.74 21.63 4.17
CA GLU A 5 0.77 21.51 3.10
C GLU A 5 1.46 21.76 1.74
N ASP A 6 2.71 22.22 1.79
CA ASP A 6 3.59 22.37 0.60
C ASP A 6 4.56 21.19 0.54
N ALA A 7 5.24 20.85 1.65
CA ALA A 7 6.06 19.64 1.63
C ALA A 7 5.22 18.38 1.83
N TRP A 8 3.95 18.56 2.16
CA TRP A 8 2.95 17.52 1.96
C TRP A 8 2.30 17.56 0.57
N GLN A 9 2.55 18.63 -0.21
CA GLN A 9 2.01 18.81 -1.56
C GLN A 9 0.50 18.55 -1.58
N ASP A 10 -0.19 19.18 -0.63
CA ASP A 10 -1.59 18.86 -0.43
C ASP A 10 -2.47 19.35 -1.58
N ASP A 11 -2.10 20.45 -2.24
CA ASP A 11 -2.91 20.94 -3.35
C ASP A 11 -2.93 19.93 -4.49
N GLU A 12 -1.80 19.31 -4.78
CA GLU A 12 -1.74 18.31 -5.84
C GLU A 12 -2.34 16.99 -5.39
N TYR A 13 -2.04 16.55 -4.17
CA TYR A 13 -2.59 15.29 -3.68
C TYR A 13 -4.11 15.33 -3.70
N PHE A 14 -4.69 16.33 -3.02
CA PHE A 14 -6.15 16.44 -2.92
C PHE A 14 -6.80 16.92 -4.21
N GLY A 15 -6.04 17.58 -5.10
CA GLY A 15 -6.57 17.95 -6.38
C GLY A 15 -6.79 16.73 -7.27
N ASN A 16 -5.88 15.77 -7.21
CA ASN A 16 -6.05 14.52 -7.93
C ASN A 16 -7.27 13.73 -7.47
N TYR A 17 -7.71 13.92 -6.23
CA TYR A 17 -8.87 13.20 -5.71
C TYR A 17 -10.17 13.95 -5.92
N GLY A 18 -10.11 15.21 -6.34
CA GLY A 18 -11.30 15.91 -6.76
C GLY A 18 -11.82 15.48 -8.10
N THR A 19 -11.00 14.80 -8.89
CA THR A 19 -11.39 14.28 -10.19
C THR A 19 -11.87 12.84 -10.07
N LEU A 20 -12.81 12.48 -10.95
CA LEU A 20 -13.36 11.13 -10.99
C LEU A 20 -12.36 10.08 -11.40
N ARG A 21 -11.26 10.46 -12.05
CA ARG A 21 -10.32 9.47 -12.57
C ARG A 21 -9.86 8.50 -11.47
N LEU A 22 -9.40 9.04 -10.34
CA LEU A 22 -8.85 8.20 -9.29
C LEU A 22 -9.94 7.42 -8.57
N HIS A 23 -11.13 7.99 -8.46
CA HIS A 23 -12.23 7.24 -7.87
C HIS A 23 -12.70 6.15 -8.80
N LEU A 24 -12.69 6.39 -10.11
CA LEU A 24 -13.06 5.33 -11.04
C LEU A 24 -12.11 4.14 -10.91
N GLU A 25 -10.81 4.40 -10.74
CA GLU A 25 -9.86 3.31 -10.58
C GLU A 25 -10.05 2.58 -9.23
N MET A 26 -10.52 3.27 -8.19
CA MET A 26 -10.67 2.61 -6.90
C MET A 26 -11.91 1.74 -6.86
N LEU A 27 -13.04 2.24 -7.37
CA LEU A 27 -14.26 1.45 -7.40
C LEU A 27 -14.22 0.37 -8.46
N SER A 28 -13.36 0.50 -9.46
CA SER A 28 -13.19 -0.57 -10.45
C SER A 28 -12.33 -1.69 -9.91
N ASP A 29 -11.55 -1.42 -8.86
CA ASP A 29 -10.82 -2.44 -8.14
C ASP A 29 -11.82 -3.28 -7.35
N LYS A 30 -12.22 -4.44 -7.88
CA LYS A 30 -13.22 -5.25 -7.18
C LYS A 30 -12.65 -5.89 -5.93
N PRO A 31 -11.50 -6.61 -5.96
CA PRO A 31 -10.95 -7.15 -4.71
C PRO A 31 -10.85 -6.11 -3.60
N ARG A 32 -10.48 -4.87 -3.93
CA ARG A 32 -10.30 -3.85 -2.90
C ARG A 32 -11.64 -3.41 -2.32
N THR A 33 -12.61 -3.11 -3.20
CA THR A 33 -13.91 -2.59 -2.76
C THR A 33 -14.79 -3.67 -2.16
N GLU A 34 -14.77 -4.87 -2.74
CA GLU A 34 -15.60 -5.93 -2.20
C GLU A 34 -15.07 -6.42 -0.85
N THR A 35 -13.76 -6.30 -0.62
CA THR A 35 -13.22 -6.66 0.68
C THR A 35 -13.84 -5.78 1.76
N TYR A 36 -13.85 -4.46 1.53
CA TYR A 36 -14.46 -3.56 2.50
C TYR A 36 -15.95 -3.85 2.67
N ARG A 37 -16.63 -4.19 1.58
CA ARG A 37 -18.05 -4.51 1.67
C ARG A 37 -18.28 -5.78 2.48
N GLN A 38 -17.39 -6.78 2.34
CA GLN A 38 -17.57 -8.02 3.10
C GLN A 38 -17.19 -7.83 4.56
N VAL A 39 -16.23 -6.96 4.86
CA VAL A 39 -15.95 -6.64 6.25
C VAL A 39 -17.18 -6.06 6.94
N ILE A 40 -17.91 -5.19 6.23
CA ILE A 40 -19.14 -4.64 6.80
C ILE A 40 -20.18 -5.72 6.92
N LEU A 41 -20.33 -6.54 5.88
CA LEU A 41 -21.28 -7.65 5.91
C LEU A 41 -20.98 -8.60 7.05
N SER A 42 -19.78 -9.19 7.05
CA SER A 42 -19.35 -10.16 8.04
C SER A 42 -19.44 -9.63 9.47
N ASN A 43 -19.43 -8.31 9.66
CA ASN A 43 -19.53 -7.69 10.99
C ASN A 43 -20.82 -6.90 11.19
N SER A 44 -21.85 -7.15 10.38
CA SER A 44 -23.03 -6.30 10.40
C SER A 44 -23.67 -6.21 11.78
N ALA A 45 -23.88 -7.37 12.43
CA ALA A 45 -24.56 -7.37 13.71
C ALA A 45 -23.77 -6.60 14.76
N ALA A 46 -22.45 -6.82 14.81
CA ALA A 46 -21.62 -6.17 15.82
C ALA A 46 -21.56 -4.65 15.65
N LEU A 47 -21.85 -4.14 14.46
CA LEU A 47 -21.77 -2.71 14.17
C LEU A 47 -23.01 -1.93 14.57
N ARG A 48 -24.06 -2.59 15.06
CA ARG A 48 -25.30 -1.89 15.36
C ARG A 48 -25.11 -0.93 16.52
N GLU A 49 -25.57 0.31 16.34
CA GLU A 49 -25.48 1.40 17.30
C GLU A 49 -24.03 1.81 17.59
N LYS A 50 -23.07 1.27 16.86
CA LYS A 50 -21.71 1.79 16.90
C LYS A 50 -21.63 3.09 16.10
N VAL A 51 -20.63 3.90 16.43
CA VAL A 51 -20.32 5.12 15.68
C VAL A 51 -19.05 4.87 14.86
N VAL A 52 -19.14 5.10 13.56
CA VAL A 52 -18.06 4.80 12.63
C VAL A 52 -17.50 6.10 12.07
N LEU A 53 -16.17 6.20 12.03
CA LEU A 53 -15.46 7.27 11.34
C LEU A 53 -14.85 6.67 10.07
N ASP A 54 -15.37 7.08 8.91
CA ASP A 54 -14.82 6.71 7.60
C ASP A 54 -13.82 7.80 7.20
N LEU A 55 -12.54 7.56 7.43
CA LEU A 55 -11.50 8.55 7.22
C LEU A 55 -11.04 8.56 5.76
N GLY A 56 -11.33 9.66 5.06
CA GLY A 56 -10.98 9.76 3.66
C GLY A 56 -11.98 8.98 2.83
N CYS A 57 -13.26 9.30 2.99
CA CYS A 57 -14.35 8.51 2.43
C CYS A 57 -14.44 8.61 0.90
N GLY A 58 -13.83 9.61 0.28
CA GLY A 58 -13.90 9.72 -1.16
C GLY A 58 -15.32 9.92 -1.65
N THR A 59 -15.78 9.04 -2.54
CA THR A 59 -17.18 9.03 -2.97
C THR A 59 -18.15 8.63 -1.86
N GLY A 60 -17.65 8.06 -0.77
CA GLY A 60 -18.49 7.66 0.35
C GLY A 60 -18.86 6.20 0.38
N VAL A 61 -18.19 5.36 -0.43
CA VAL A 61 -18.65 3.99 -0.66
C VAL A 61 -18.66 3.19 0.64
N ILE A 62 -17.60 3.29 1.44
CA ILE A 62 -17.51 2.56 2.70
C ILE A 62 -18.59 3.04 3.67
N SER A 63 -18.87 4.34 3.67
CA SER A 63 -19.92 4.88 4.53
C SER A 63 -21.29 4.34 4.14
N LEU A 64 -21.52 4.15 2.84
CA LEU A 64 -22.81 3.66 2.38
C LEU A 64 -22.96 2.18 2.67
N PHE A 65 -21.85 1.44 2.61
CA PHE A 65 -21.85 0.05 3.07
C PHE A 65 -22.28 -0.04 4.53
N CYS A 66 -21.69 0.78 5.40
CA CYS A 66 -22.04 0.80 6.81
C CYS A 66 -23.52 1.15 7.01
N ALA A 67 -23.99 2.21 6.36
CA ALA A 67 -25.35 2.69 6.62
C ALA A 67 -26.41 1.77 6.01
N LEU A 68 -26.11 1.13 4.89
CA LEU A 68 -27.09 0.30 4.20
C LEU A 68 -27.00 -1.17 4.56
N LEU A 69 -25.83 -1.70 4.89
CA LEU A 69 -25.65 -3.11 5.20
C LEU A 69 -25.53 -3.35 6.70
N ALA A 70 -25.80 -2.34 7.51
CA ALA A 70 -25.81 -2.43 8.96
C ALA A 70 -26.65 -1.28 9.50
N LYS A 71 -26.80 -1.22 10.82
CA LYS A 71 -27.58 -0.16 11.45
C LYS A 71 -26.77 0.49 12.56
N PRO A 72 -25.76 1.27 12.19
CA PRO A 72 -24.98 1.98 13.20
C PRO A 72 -25.74 3.16 13.76
N ALA A 73 -25.22 3.70 14.86
CA ALA A 73 -25.82 4.90 15.42
C ALA A 73 -25.52 6.11 14.53
N GLY A 74 -24.32 6.17 13.98
CA GLY A 74 -23.95 7.27 13.11
C GLY A 74 -22.66 6.99 12.36
N VAL A 75 -22.50 7.59 11.18
CA VAL A 75 -21.27 7.44 10.39
C VAL A 75 -20.77 8.83 10.04
N TYR A 76 -19.50 9.09 10.32
CA TYR A 76 -18.85 10.37 10.01
C TYR A 76 -17.93 10.13 8.82
N ALA A 77 -18.32 10.69 7.68
CA ALA A 77 -17.57 10.53 6.43
C ALA A 77 -16.74 11.78 6.18
N VAL A 78 -15.42 11.64 6.21
CA VAL A 78 -14.50 12.77 6.24
C VAL A 78 -13.69 12.78 4.95
N GLU A 79 -13.79 13.87 4.19
CA GLU A 79 -13.08 13.96 2.91
C GLU A 79 -12.58 15.38 2.72
N ALA A 80 -11.26 15.53 2.55
CA ALA A 80 -10.68 16.85 2.40
C ALA A 80 -10.79 17.42 0.99
N SER A 81 -10.98 16.58 -0.02
CA SER A 81 -10.99 17.09 -1.38
C SER A 81 -12.37 17.64 -1.74
N SER A 82 -12.44 18.32 -2.88
CA SER A 82 -13.67 18.90 -3.37
C SER A 82 -14.73 17.84 -3.66
N MET A 83 -14.34 16.57 -3.77
CA MET A 83 -15.30 15.50 -4.00
C MET A 83 -16.33 15.40 -2.88
N ALA A 84 -15.99 15.93 -1.69
CA ALA A 84 -16.93 15.89 -0.57
C ALA A 84 -18.26 16.56 -0.91
N GLU A 85 -18.22 17.62 -1.70
CA GLU A 85 -19.47 18.27 -2.12
C GLU A 85 -20.40 17.28 -2.81
N HIS A 86 -19.84 16.38 -3.61
CA HIS A 86 -20.66 15.38 -4.29
C HIS A 86 -21.03 14.22 -3.35
N THR A 87 -20.11 13.82 -2.47
CA THR A 87 -20.44 12.81 -1.46
C THR A 87 -21.73 13.15 -0.74
N GLU A 88 -21.89 14.41 -0.35
CA GLU A 88 -23.10 14.82 0.35
C GLU A 88 -24.35 14.55 -0.47
N GLU A 89 -24.28 14.75 -1.79
CA GLU A 89 -25.45 14.46 -2.63
C GLU A 89 -25.64 12.95 -2.80
N LEU A 90 -24.54 12.20 -2.92
CA LEU A 90 -24.64 10.76 -3.10
C LEU A 90 -25.27 10.08 -1.89
N VAL A 91 -24.93 10.53 -0.67
CA VAL A 91 -25.53 9.91 0.51
C VAL A 91 -26.99 10.29 0.61
N LYS A 92 -27.35 11.49 0.18
CA LYS A 92 -28.76 11.87 0.12
C LYS A 92 -29.52 11.03 -0.90
N GLN A 93 -28.96 10.85 -2.10
CA GLN A 93 -29.63 10.09 -3.14
C GLN A 93 -29.72 8.60 -2.83
N ASN A 94 -28.92 8.10 -1.89
CA ASN A 94 -28.99 6.71 -1.46
C ASN A 94 -29.74 6.56 -0.13
N GLY A 95 -30.48 7.59 0.28
CA GLY A 95 -31.28 7.53 1.49
C GLY A 95 -30.52 7.34 2.77
N CYS A 96 -29.35 7.96 2.91
CA CYS A 96 -28.51 7.77 4.10
C CYS A 96 -28.17 9.07 4.81
N ASP A 97 -28.77 10.20 4.43
CA ASP A 97 -28.42 11.44 5.13
C ASP A 97 -28.98 11.50 6.57
N GLY A 98 -29.62 10.48 7.13
CA GLY A 98 -29.96 10.47 8.54
C GLY A 98 -28.89 9.78 9.39
N VAL A 99 -28.04 9.00 8.73
CA VAL A 99 -27.00 8.23 9.40
C VAL A 99 -25.62 8.78 9.10
N VAL A 100 -25.37 9.20 7.86
CA VAL A 100 -24.04 9.62 7.42
C VAL A 100 -23.99 11.14 7.39
N THR A 101 -23.01 11.70 8.11
CA THR A 101 -22.67 13.12 8.05
C THR A 101 -21.35 13.26 7.31
N VAL A 102 -21.28 14.21 6.38
CA VAL A 102 -20.08 14.40 5.57
C VAL A 102 -19.40 15.69 5.98
N PHE A 103 -18.11 15.59 6.35
CA PHE A 103 -17.26 16.72 6.76
C PHE A 103 -16.19 16.96 5.69
N GLN A 104 -16.21 18.12 5.04
CA GLN A 104 -15.14 18.48 4.12
C GLN A 104 -14.00 19.10 4.93
N GLU A 105 -13.20 18.23 5.54
CA GLU A 105 -12.11 18.64 6.42
C GLU A 105 -10.96 17.66 6.27
N ARG A 106 -9.76 18.12 6.60
CA ARG A 106 -8.62 17.24 6.74
C ARG A 106 -8.69 16.53 8.08
N ALA A 107 -8.25 15.27 8.09
CA ALA A 107 -8.18 14.52 9.34
C ALA A 107 -7.41 15.28 10.41
N GLU A 108 -6.39 16.02 10.00
CA GLU A 108 -5.49 16.67 10.95
C GLU A 108 -6.21 17.76 11.74
N ASN A 109 -6.94 18.64 11.06
CA ASN A 109 -7.75 19.66 11.72
C ASN A 109 -9.23 19.29 11.61
N LEU A 110 -9.61 18.25 12.35
CA LEU A 110 -10.93 17.65 12.30
C LEU A 110 -11.66 17.84 13.60
N THR A 111 -12.91 18.27 13.54
CA THR A 111 -13.77 18.38 14.73
C THR A 111 -15.01 17.54 14.48
N LEU A 112 -15.13 16.43 15.21
CA LEU A 112 -16.28 15.55 15.14
C LEU A 112 -17.16 15.72 16.37
N PRO A 113 -18.47 15.50 16.24
CA PRO A 113 -19.37 15.75 17.39
C PRO A 113 -19.16 14.79 18.56
N THR A 114 -18.70 13.56 18.33
CA THR A 114 -18.40 12.62 19.40
C THR A 114 -17.16 11.81 19.03
N LYS A 115 -16.64 11.04 19.99
CA LYS A 115 -15.65 10.03 19.67
C LYS A 115 -16.34 8.87 18.94
N VAL A 116 -15.53 7.96 18.39
CA VAL A 116 -16.05 6.90 17.53
C VAL A 116 -15.61 5.54 18.05
N ASP A 117 -16.40 4.52 17.71
CA ASP A 117 -16.15 3.13 18.09
C ASP A 117 -15.30 2.38 17.09
N VAL A 118 -15.41 2.71 15.80
CA VAL A 118 -14.62 2.11 14.74
C VAL A 118 -14.08 3.21 13.83
N LEU A 119 -12.80 3.13 13.52
CA LEU A 119 -12.19 3.97 12.49
C LEU A 119 -11.90 3.05 11.30
N VAL A 120 -12.62 3.26 10.20
CA VAL A 120 -12.41 2.50 8.96
C VAL A 120 -11.89 3.44 7.88
N SER A 121 -10.88 2.99 7.15
CA SER A 121 -10.20 3.84 6.19
C SER A 121 -9.51 2.95 5.17
N GLU A 122 -9.39 3.45 3.95
CA GLU A 122 -8.62 2.78 2.92
C GLU A 122 -7.47 3.73 2.57
N TRP A 123 -6.35 3.56 3.27
CA TRP A 123 -5.22 4.48 3.22
C TRP A 123 -3.99 3.92 2.53
N MET A 124 -4.02 2.66 2.11
CA MET A 124 -2.77 2.04 1.68
C MET A 124 -2.26 2.63 0.36
N GLY A 125 -0.99 3.02 0.38
CA GLY A 125 -0.30 3.44 -0.82
C GLY A 125 0.58 2.32 -1.37
N ASN A 126 1.29 2.65 -2.45
CA ASN A 126 2.25 1.73 -3.01
C ASN A 126 3.27 1.31 -1.96
N CYS A 127 3.60 0.02 -1.92
CA CYS A 127 4.48 -0.51 -0.88
C CYS A 127 4.01 -0.05 0.50
N LEU A 128 2.68 0.00 0.65
CA LEU A 128 1.97 0.30 1.88
C LEU A 128 2.04 1.77 2.28
N LEU A 129 3.23 2.37 2.24
CA LEU A 129 3.46 3.67 2.87
C LEU A 129 3.47 4.87 1.94
N PHE A 130 3.65 4.67 0.63
CA PHE A 130 3.77 5.80 -0.29
C PHE A 130 2.60 6.75 -0.11
N GLU A 131 2.93 8.03 0.04
CA GLU A 131 2.04 9.17 0.26
C GLU A 131 1.68 9.34 1.74
N TYR A 132 1.95 8.36 2.59
CA TYR A 132 1.86 8.49 4.05
C TYR A 132 0.51 9.04 4.51
N MET A 133 -0.56 8.58 3.87
CA MET A 133 -1.90 8.79 4.42
C MET A 133 -2.05 8.09 5.75
N LEU A 134 -1.23 7.06 6.00
CA LEU A 134 -1.17 6.43 7.31
C LEU A 134 -0.96 7.45 8.43
N GLU A 135 -0.22 8.54 8.17
CA GLU A 135 -0.01 9.51 9.23
C GLU A 135 -1.32 10.19 9.64
N SER A 136 -2.11 10.61 8.65
CA SER A 136 -3.43 11.17 8.94
C SER A 136 -4.28 10.18 9.73
N VAL A 137 -4.30 8.93 9.29
CA VAL A 137 -5.11 7.91 9.95
C VAL A 137 -4.75 7.79 11.42
N LEU A 138 -3.45 7.85 11.74
CA LEU A 138 -3.02 7.63 13.11
C LEU A 138 -3.31 8.83 13.98
N LEU A 139 -3.20 10.04 13.43
CA LEU A 139 -3.59 11.25 14.15
C LEU A 139 -5.06 11.21 14.52
N ALA A 140 -5.91 10.79 13.59
CA ALA A 140 -7.35 10.75 13.87
C ALA A 140 -7.68 9.64 14.86
N ARG A 141 -6.97 8.51 14.78
CA ARG A 141 -7.12 7.46 15.78
C ARG A 141 -6.87 7.99 17.19
N ASP A 142 -5.81 8.79 17.35
CA ASP A 142 -5.40 9.22 18.68
C ASP A 142 -6.38 10.22 19.26
N ARG A 143 -6.98 11.05 18.41
CA ARG A 143 -7.88 12.10 18.86
C ARG A 143 -9.32 11.60 18.97
N TRP A 144 -9.75 10.69 18.11
CA TRP A 144 -11.16 10.39 17.98
C TRP A 144 -11.56 8.94 18.25
N LEU A 145 -10.63 7.99 18.23
CA LEU A 145 -11.01 6.60 18.47
C LEU A 145 -11.09 6.33 19.96
N LYS A 146 -12.21 5.79 20.41
CA LYS A 146 -12.37 5.42 21.80
C LYS A 146 -11.41 4.30 22.17
N LYS A 147 -11.00 4.29 23.43
CA LYS A 147 -10.26 3.16 23.98
C LYS A 147 -11.03 1.88 23.74
N GLY A 148 -10.32 0.86 23.27
CA GLY A 148 -10.93 -0.40 22.92
C GLY A 148 -11.60 -0.43 21.57
N GLY A 149 -11.62 0.68 20.84
CA GLY A 149 -12.26 0.74 19.55
C GLY A 149 -11.48 -0.02 18.48
N MET A 150 -12.11 -0.16 17.33
CA MET A 150 -11.58 -0.93 16.22
C MET A 150 -10.89 -0.04 15.18
N MET A 151 -9.77 -0.53 14.66
CA MET A 151 -9.10 0.04 13.48
C MET A 151 -9.28 -0.94 12.32
N TRP A 152 -9.80 -0.45 11.20
CA TRP A 152 -9.97 -1.26 10.00
C TRP A 152 -9.26 -0.64 8.81
N PRO A 153 -8.19 -1.26 8.28
CA PRO A 153 -7.61 -2.53 8.71
C PRO A 153 -6.98 -2.47 10.09
N SER A 154 -6.81 -3.61 10.74
CA SER A 154 -6.24 -3.63 12.09
C SER A 154 -4.74 -3.89 12.09
N SER A 155 -4.23 -4.51 11.03
CA SER A 155 -2.81 -4.67 10.83
C SER A 155 -2.54 -4.66 9.33
N ALA A 156 -1.28 -4.45 8.97
CA ALA A 156 -0.88 -4.42 7.57
C ALA A 156 0.51 -4.99 7.45
N CYS A 157 0.77 -5.68 6.34
CA CYS A 157 2.01 -6.40 6.13
C CYS A 157 2.65 -5.97 4.81
N LEU A 158 3.97 -5.88 4.80
CA LEU A 158 4.73 -5.69 3.58
C LEU A 158 5.42 -7.02 3.27
N THR A 159 5.21 -7.52 2.05
CA THR A 159 5.77 -8.80 1.62
C THR A 159 6.70 -8.56 0.44
N ILE A 160 7.81 -9.32 0.39
CA ILE A 160 8.77 -9.26 -0.71
C ILE A 160 9.18 -10.68 -1.12
N VAL A 161 9.76 -10.77 -2.32
CA VAL A 161 10.26 -12.04 -2.84
C VAL A 161 11.32 -11.76 -3.91
N PRO A 162 12.41 -12.52 -3.95
CA PRO A 162 13.36 -12.38 -5.06
C PRO A 162 12.75 -12.96 -6.33
N CYS A 163 12.94 -12.27 -7.45
CA CYS A 163 12.14 -12.58 -8.62
C CYS A 163 12.96 -12.55 -9.91
N GLN A 164 12.32 -12.98 -10.98
CA GLN A 164 12.81 -12.86 -12.35
C GLN A 164 12.01 -11.78 -13.07
N ALA A 165 12.64 -11.12 -14.02
CA ALA A 165 11.90 -10.26 -14.92
C ALA A 165 12.67 -10.11 -16.23
N PHE A 166 12.69 -11.21 -16.99
CA PHE A 166 13.31 -11.20 -18.31
C PHE A 166 12.70 -10.14 -19.21
N SER A 167 11.37 -10.07 -19.22
CA SER A 167 10.67 -9.06 -20.01
C SER A 167 11.27 -7.68 -19.77
N ASP A 168 11.37 -7.27 -18.51
CA ASP A 168 11.80 -5.91 -18.19
C ASP A 168 13.26 -5.67 -18.57
N TYR A 169 14.16 -6.62 -18.26
CA TYR A 169 15.58 -6.38 -18.50
C TYR A 169 15.92 -6.38 -19.99
N ARG A 170 15.29 -7.27 -20.76
CA ARG A 170 15.60 -7.35 -22.18
C ARG A 170 15.04 -6.15 -22.95
N GLN A 171 13.84 -5.68 -22.59
CA GLN A 171 13.25 -4.56 -23.31
C GLN A 171 13.90 -3.23 -22.95
N LYS A 172 14.42 -3.09 -21.72
CA LYS A 172 14.97 -1.82 -21.28
C LYS A 172 16.50 -1.77 -21.25
N VAL A 173 17.19 -2.91 -21.19
CA VAL A 173 18.65 -2.86 -21.16
C VAL A 173 19.27 -3.61 -22.33
N GLU A 174 18.94 -4.90 -22.48
CA GLU A 174 19.55 -5.66 -23.56
C GLU A 174 18.98 -5.31 -24.93
N PHE A 175 17.89 -4.55 -24.99
CA PHE A 175 17.34 -4.12 -26.27
C PHE A 175 18.38 -3.39 -27.10
N TRP A 176 19.17 -2.53 -26.46
CA TRP A 176 20.11 -1.64 -27.11
C TRP A 176 21.29 -2.35 -27.76
N GLU A 177 21.43 -3.66 -27.57
CA GLU A 177 22.59 -4.36 -28.12
C GLU A 177 22.61 -4.31 -29.64
N ASN A 178 21.52 -4.74 -30.28
CA ASN A 178 21.56 -4.85 -31.73
C ASN A 178 20.21 -4.55 -32.39
N PRO A 179 19.53 -3.45 -32.03
CA PRO A 179 18.22 -3.18 -32.64
C PRO A 179 18.37 -2.93 -34.14
N TYR A 180 17.67 -3.72 -34.94
CA TYR A 180 17.71 -3.64 -36.40
C TYR A 180 19.14 -3.79 -36.94
N GLY A 181 20.04 -4.39 -36.17
CA GLY A 181 21.40 -4.61 -36.61
C GLY A 181 22.38 -3.52 -36.26
N LEU A 182 21.95 -2.46 -35.58
CA LEU A 182 22.85 -1.39 -35.19
C LEU A 182 23.38 -1.62 -33.79
N ASN A 183 24.60 -1.16 -33.56
CA ASN A 183 25.23 -1.33 -32.25
C ASN A 183 24.93 -0.10 -31.42
N PHE A 184 23.82 -0.15 -30.68
CA PHE A 184 23.44 0.93 -29.76
C PHE A 184 23.84 0.61 -28.33
N SER A 185 24.86 -0.24 -28.14
CA SER A 185 25.22 -0.69 -26.80
C SER A 185 25.78 0.43 -25.93
N TYR A 186 26.29 1.50 -26.54
CA TYR A 186 26.82 2.62 -25.77
C TYR A 186 25.77 3.24 -24.86
N LEU A 187 24.49 3.07 -25.20
CA LEU A 187 23.40 3.63 -24.41
C LEU A 187 23.05 2.78 -23.19
N GLN A 188 23.69 1.62 -23.01
CA GLN A 188 23.29 0.72 -21.93
C GLN A 188 23.50 1.35 -20.56
N SER A 189 24.62 2.05 -20.36
CA SER A 189 24.85 2.71 -19.08
C SER A 189 23.73 3.70 -18.74
N LEU A 190 23.26 4.44 -19.74
CA LEU A 190 22.20 5.41 -19.49
C LEU A 190 20.84 4.72 -19.35
N ALA A 191 20.64 3.59 -20.04
CA ALA A 191 19.48 2.75 -19.80
C ALA A 191 19.46 2.26 -18.35
N GLN A 192 20.62 1.80 -17.87
CA GLN A 192 20.74 1.35 -16.49
C GLN A 192 20.34 2.46 -15.52
N LYS A 193 20.89 3.66 -15.72
CA LYS A 193 20.64 4.78 -14.83
C LYS A 193 19.21 5.30 -14.94
N GLU A 194 18.62 5.30 -16.14
CA GLU A 194 17.28 5.86 -16.29
C GLU A 194 16.16 4.87 -15.94
N PHE A 195 16.30 3.61 -16.34
CA PHE A 195 15.20 2.65 -16.23
C PHE A 195 15.28 1.80 -14.96
N LEU A 196 16.47 1.39 -14.55
CA LEU A 196 16.60 0.51 -13.39
C LEU A 196 16.84 1.24 -12.08
N SER A 197 16.88 2.56 -12.07
CA SER A 197 17.19 3.29 -10.84
C SER A 197 15.96 3.54 -9.97
N LYS A 198 14.78 3.52 -10.56
CA LYS A 198 13.51 3.83 -9.94
C LYS A 198 12.66 2.57 -9.82
N PRO A 199 11.76 2.51 -8.84
CA PRO A 199 10.84 1.38 -8.77
C PRO A 199 9.83 1.44 -9.91
N LYS A 200 9.36 0.28 -10.31
CA LYS A 200 8.38 0.16 -11.37
C LYS A 200 7.02 -0.13 -10.74
N PHE A 201 6.16 0.89 -10.70
CA PHE A 201 4.78 0.71 -10.32
C PHE A 201 4.04 -0.17 -11.33
N SER A 202 2.98 -0.83 -10.85
CA SER A 202 2.07 -1.60 -11.69
C SER A 202 2.78 -2.75 -12.42
N HIS A 203 3.72 -3.38 -11.73
CA HIS A 203 4.33 -4.61 -12.21
C HIS A 203 3.43 -5.78 -11.86
N HIS A 204 3.26 -6.71 -12.81
CA HIS A 204 2.39 -7.87 -12.64
C HIS A 204 3.29 -9.10 -12.55
N LEU A 205 3.63 -9.48 -11.33
CA LEU A 205 4.57 -10.57 -11.12
C LEU A 205 3.88 -11.91 -11.36
N GLN A 206 4.42 -12.71 -12.26
CA GLN A 206 3.85 -14.02 -12.56
C GLN A 206 4.35 -15.03 -11.55
N PRO A 207 3.50 -15.99 -11.13
CA PRO A 207 3.94 -16.93 -10.08
C PRO A 207 5.20 -17.71 -10.46
N GLU A 208 5.35 -18.09 -11.73
CA GLU A 208 6.51 -18.87 -12.15
C GLU A 208 7.81 -18.07 -12.13
N ASP A 209 7.76 -16.78 -11.84
CA ASP A 209 8.94 -15.92 -11.74
C ASP A 209 9.36 -15.62 -10.30
N CYS A 210 8.69 -16.21 -9.30
CA CYS A 210 9.17 -16.18 -7.94
C CYS A 210 10.31 -17.19 -7.77
N LEU A 211 11.44 -16.76 -7.23
CA LEU A 211 12.54 -17.69 -7.01
C LEU A 211 12.57 -18.26 -5.59
N SER A 212 11.66 -17.85 -4.73
CA SER A 212 11.49 -18.46 -3.42
C SER A 212 10.05 -18.21 -2.98
N THR A 213 9.74 -18.60 -1.75
CA THR A 213 8.42 -18.23 -1.27
C THR A 213 8.48 -16.84 -0.68
N PRO A 214 7.48 -16.00 -0.97
CA PRO A 214 7.46 -14.65 -0.42
C PRO A 214 7.41 -14.70 1.10
N ALA A 215 8.00 -13.67 1.72
CA ALA A 215 8.05 -13.53 3.17
C ALA A 215 7.57 -12.14 3.55
N ASP A 216 6.70 -12.08 4.56
CA ASP A 216 6.41 -10.80 5.21
C ASP A 216 7.68 -10.30 5.88
N VAL A 217 8.05 -9.05 5.62
CA VAL A 217 9.26 -8.48 6.15
C VAL A 217 9.00 -7.34 7.13
N ILE A 218 7.85 -6.67 7.03
CA ILE A 218 7.47 -5.61 7.96
C ILE A 218 5.99 -5.80 8.30
N THR A 219 5.64 -5.58 9.57
CA THR A 219 4.26 -5.72 10.05
C THR A 219 3.92 -4.53 10.93
N LEU A 220 2.74 -3.94 10.70
CA LEU A 220 2.28 -2.73 11.39
C LEU A 220 1.03 -3.06 12.18
N ASP A 221 1.09 -2.88 13.50
CA ASP A 221 -0.06 -3.03 14.38
C ASP A 221 -0.77 -1.67 14.46
N MET A 222 -1.97 -1.58 13.88
CA MET A 222 -2.64 -0.28 13.74
C MET A 222 -3.10 0.31 15.06
N VAL A 223 -3.07 -0.47 16.15
CA VAL A 223 -3.44 0.05 17.46
C VAL A 223 -2.24 0.63 18.20
N THR A 224 -1.07 -0.01 18.07
CA THR A 224 0.13 0.40 18.80
C THR A 224 1.09 1.26 17.99
N ILE A 225 1.04 1.21 16.65
CA ILE A 225 2.04 1.92 15.86
C ILE A 225 1.90 3.42 16.10
N GLN A 226 3.03 4.09 16.27
CA GLN A 226 3.10 5.52 16.48
C GLN A 226 3.61 6.22 15.23
N VAL A 227 3.23 7.50 15.08
CA VAL A 227 3.65 8.28 13.92
C VAL A 227 5.17 8.33 13.83
N SER A 228 5.83 8.45 14.98
CA SER A 228 7.29 8.47 15.02
C SER A 228 7.90 7.18 14.48
N ASP A 229 7.16 6.08 14.48
CA ASP A 229 7.67 4.82 13.94
C ASP A 229 7.79 4.84 12.41
N LEU A 230 7.07 5.72 11.72
CA LEU A 230 7.03 5.69 10.26
C LEU A 230 8.24 6.36 9.61
N GLU A 231 9.07 7.03 10.42
CA GLU A 231 10.22 7.74 9.88
C GLU A 231 11.19 6.77 9.19
N ARG A 232 11.29 5.54 9.71
CA ARG A 232 12.33 4.59 9.32
C ARG A 232 11.84 3.20 9.69
N LEU A 233 11.36 2.45 8.70
CA LEU A 233 10.84 1.09 8.89
C LEU A 233 11.80 0.12 8.22
N LYS A 234 12.24 -0.90 8.96
CA LYS A 234 13.25 -1.82 8.46
C LYS A 234 12.85 -3.24 8.81
N GLY A 235 13.13 -4.17 7.90
CA GLY A 235 12.87 -5.57 8.14
C GLY A 235 14.01 -6.42 7.63
N GLU A 236 14.11 -7.61 8.15
CA GLU A 236 15.16 -8.55 7.77
C GLU A 236 14.57 -9.66 6.92
N PHE A 237 15.40 -10.26 6.07
CA PHE A 237 14.92 -11.34 5.23
C PHE A 237 16.03 -12.32 4.97
N THR A 238 15.64 -13.58 4.82
CA THR A 238 16.50 -14.62 4.28
C THR A 238 15.64 -15.47 3.35
N PHE A 239 16.19 -15.78 2.17
CA PHE A 239 15.50 -16.58 1.17
C PHE A 239 16.43 -17.70 0.74
N THR A 240 15.88 -18.91 0.66
CA THR A 240 16.56 -20.02 0.02
C THR A 240 15.89 -20.21 -1.34
N VAL A 241 16.68 -20.13 -2.41
CA VAL A 241 16.08 -20.16 -3.75
C VAL A 241 15.65 -21.58 -4.07
N GLU A 242 14.42 -21.71 -4.59
CA GLU A 242 13.79 -23.01 -4.80
C GLU A 242 13.77 -23.43 -6.27
N LYS A 243 13.74 -22.49 -7.21
CA LYS A 243 13.98 -22.74 -8.63
C LYS A 243 15.35 -22.18 -8.99
N SER A 244 16.05 -22.89 -9.88
CA SER A 244 17.18 -22.28 -10.57
C SER A 244 16.69 -21.23 -11.56
N GLY A 245 17.38 -20.10 -11.62
CA GLY A 245 16.94 -19.00 -12.44
C GLY A 245 17.87 -17.81 -12.32
N MET A 246 17.38 -16.65 -12.75
CA MET A 246 18.14 -15.41 -12.78
C MET A 246 17.52 -14.41 -11.79
N PHE A 247 18.34 -13.89 -10.88
CA PHE A 247 17.94 -12.94 -9.84
C PHE A 247 18.05 -11.53 -10.45
N HIS A 248 16.94 -11.05 -11.01
CA HIS A 248 16.88 -9.67 -11.51
C HIS A 248 16.58 -8.66 -10.42
N GLY A 249 15.96 -9.06 -9.32
CA GLY A 249 15.63 -8.12 -8.27
C GLY A 249 14.55 -8.67 -7.35
N PHE A 250 13.81 -7.74 -6.75
CA PHE A 250 12.79 -8.02 -5.74
C PHE A 250 11.44 -7.44 -6.15
N THR A 251 10.37 -8.19 -5.91
CA THR A 251 9.02 -7.66 -6.03
C THR A 251 8.39 -7.49 -4.65
N VAL A 252 7.61 -6.43 -4.48
CA VAL A 252 7.06 -6.04 -3.19
C VAL A 252 5.55 -5.84 -3.33
N TRP A 253 4.81 -6.21 -2.28
CA TRP A 253 3.38 -5.93 -2.20
C TRP A 253 2.99 -5.86 -0.73
N PHE A 254 1.69 -5.71 -0.46
CA PHE A 254 1.23 -5.62 0.91
C PHE A 254 -0.05 -6.42 1.12
N SER A 255 -0.40 -6.60 2.40
CA SER A 255 -1.66 -7.16 2.81
C SER A 255 -2.29 -6.24 3.84
N ALA A 256 -3.61 -6.16 3.85
CA ALA A 256 -4.35 -5.49 4.91
C ALA A 256 -5.27 -6.50 5.58
N HIS A 257 -5.32 -6.46 6.92
CA HIS A 257 -6.06 -7.44 7.72
C HIS A 257 -7.13 -6.74 8.54
N PHE A 258 -8.29 -7.40 8.65
CA PHE A 258 -9.48 -6.83 9.27
C PHE A 258 -10.00 -7.79 10.33
N GLN A 259 -9.66 -7.53 11.61
CA GLN A 259 -10.14 -8.35 12.72
C GLN A 259 -11.65 -8.22 12.89
N CYS A 260 -12.27 -9.34 13.26
CA CYS A 260 -13.70 -9.32 13.58
C CYS A 260 -13.94 -8.52 14.85
N LEU A 261 -15.05 -7.75 14.87
CA LEU A 261 -15.43 -7.02 16.07
C LEU A 261 -15.65 -7.93 17.27
N GLU A 262 -15.95 -9.20 17.04
CA GLU A 262 -16.19 -10.16 18.12
C GLU A 262 -15.09 -11.21 18.14
N GLU A 263 -14.57 -11.49 19.34
CA GLU A 263 -13.55 -12.52 19.58
C GLU A 263 -13.66 -13.69 18.61
N ASP A 264 -14.85 -14.27 18.52
CA ASP A 264 -15.04 -15.58 17.89
C ASP A 264 -14.93 -15.55 16.38
N GLY A 265 -14.94 -14.38 15.76
CA GLY A 265 -14.96 -14.29 14.32
C GLY A 265 -13.57 -14.29 13.72
N PRO A 266 -13.47 -14.72 12.46
CA PRO A 266 -12.17 -14.75 11.79
C PRO A 266 -11.87 -13.45 11.05
N SER A 267 -10.59 -13.28 10.75
CA SER A 267 -10.10 -12.10 10.06
C SER A 267 -10.35 -12.19 8.56
N ILE A 268 -10.46 -11.02 7.92
CA ILE A 268 -10.64 -10.88 6.48
C ILE A 268 -9.39 -10.21 5.93
N GLU A 269 -8.89 -10.69 4.80
CA GLU A 269 -7.63 -10.21 4.27
C GLU A 269 -7.82 -9.55 2.92
N LEU A 270 -7.05 -8.49 2.67
CA LEU A 270 -6.90 -7.89 1.35
C LEU A 270 -5.45 -8.13 0.94
N ASN A 271 -5.25 -9.05 0.00
CA ASN A 271 -3.95 -9.46 -0.50
C ASN A 271 -3.69 -8.85 -1.86
N THR A 272 -2.63 -8.06 -2.01
CA THR A 272 -2.27 -7.49 -3.30
C THR A 272 -1.12 -8.23 -3.99
N GLY A 273 -0.84 -9.46 -3.56
CA GLY A 273 0.31 -10.18 -4.07
C GLY A 273 0.01 -10.94 -5.34
N PRO A 274 0.97 -11.76 -5.77
CA PRO A 274 0.84 -12.46 -7.06
C PRO A 274 -0.05 -13.70 -7.02
N TYR A 275 -0.40 -14.22 -5.86
CA TYR A 275 -1.27 -15.39 -5.79
C TYR A 275 -2.73 -15.02 -5.52
N SER A 276 -3.03 -13.73 -5.52
CA SER A 276 -4.38 -13.18 -5.32
C SER A 276 -4.83 -12.43 -6.55
N GLU A 277 -6.14 -12.21 -6.64
CA GLU A 277 -6.69 -11.43 -7.73
C GLU A 277 -6.03 -10.06 -7.80
N ILE A 278 -5.72 -9.62 -9.01
CA ILE A 278 -4.93 -8.41 -9.22
C ILE A 278 -5.74 -7.19 -8.76
N THR A 279 -5.05 -6.24 -8.16
CA THR A 279 -5.68 -5.00 -7.70
C THR A 279 -5.08 -3.82 -8.46
N HIS A 280 -5.68 -2.64 -8.27
CA HIS A 280 -5.15 -1.43 -8.92
C HIS A 280 -3.75 -1.12 -8.44
N TRP A 281 -3.31 -1.68 -7.31
CA TRP A 281 -1.92 -1.50 -6.88
C TRP A 281 -0.96 -2.41 -7.64
N LYS A 282 -1.44 -3.54 -8.15
CA LYS A 282 -0.60 -4.60 -8.75
C LYS A 282 0.53 -4.91 -7.78
N GLN A 283 1.77 -5.04 -8.24
CA GLN A 283 2.95 -5.20 -7.41
C GLN A 283 3.99 -4.19 -7.88
N THR A 284 5.08 -4.06 -7.12
CA THR A 284 6.11 -3.06 -7.38
C THR A 284 7.45 -3.76 -7.53
N LEU A 285 8.15 -3.48 -8.64
CA LEU A 285 9.35 -4.19 -9.03
C LEU A 285 10.57 -3.30 -8.79
N PHE A 286 11.59 -3.88 -8.17
CA PHE A 286 12.86 -3.21 -7.90
C PHE A 286 13.95 -4.07 -8.52
N MET A 287 14.57 -3.58 -9.58
CA MET A 287 15.58 -4.32 -10.31
C MET A 287 16.97 -3.97 -9.86
N LEU A 288 17.82 -4.99 -9.78
CA LEU A 288 19.25 -4.82 -9.58
C LEU A 288 19.89 -4.21 -10.81
N ASP A 289 21.02 -3.52 -10.60
CA ASP A 289 21.75 -2.96 -11.72
C ASP A 289 22.19 -4.04 -12.70
N ALA A 290 22.64 -5.17 -12.18
CA ALA A 290 23.06 -6.29 -12.99
C ALA A 290 22.42 -7.56 -12.44
N PRO A 291 21.88 -8.42 -13.29
CA PRO A 291 21.29 -9.67 -12.82
C PRO A 291 22.35 -10.71 -12.48
N VAL A 292 22.00 -11.60 -11.57
CA VAL A 292 22.91 -12.67 -11.14
C VAL A 292 22.16 -13.99 -11.20
N SER A 293 22.80 -15.01 -11.78
CA SER A 293 22.15 -16.30 -11.92
C SER A 293 22.27 -17.09 -10.63
N VAL A 294 21.14 -17.60 -10.14
CA VAL A 294 21.08 -18.34 -8.89
C VAL A 294 20.66 -19.78 -9.18
N GLU A 295 20.86 -20.65 -8.19
CA GLU A 295 20.47 -22.05 -8.29
C GLU A 295 20.06 -22.56 -6.92
N GLU A 296 19.16 -23.57 -6.93
CA GLU A 296 18.55 -24.11 -5.72
C GLU A 296 19.54 -24.33 -4.59
N GLY A 297 19.15 -23.92 -3.38
CA GLY A 297 19.99 -23.96 -2.22
C GLY A 297 20.71 -22.67 -1.92
N ASP A 298 20.74 -21.71 -2.85
CA ASP A 298 21.38 -20.44 -2.58
C ASP A 298 20.57 -19.62 -1.59
N ILE A 299 21.27 -18.82 -0.79
CA ILE A 299 20.65 -17.97 0.23
C ILE A 299 20.88 -16.52 -0.12
N ILE A 300 19.78 -15.75 -0.17
CA ILE A 300 19.82 -14.31 -0.39
C ILE A 300 19.28 -13.67 0.87
N ALA A 301 20.16 -13.06 1.67
CA ALA A 301 19.80 -12.53 2.97
C ALA A 301 20.20 -11.07 3.05
N GLY A 302 19.42 -10.31 3.82
CA GLY A 302 19.71 -8.90 4.04
C GLY A 302 18.54 -8.18 4.69
N SER A 303 18.37 -6.92 4.31
CA SER A 303 17.33 -6.09 4.88
C SER A 303 16.75 -5.16 3.83
N ILE A 304 15.59 -4.59 4.17
CA ILE A 304 14.92 -3.59 3.37
C ILE A 304 14.55 -2.46 4.32
N ARG A 305 14.80 -1.22 3.91
CA ARG A 305 14.56 -0.06 4.74
C ARG A 305 13.65 0.91 4.02
N LEU A 306 12.59 1.34 4.68
CA LEU A 306 11.65 2.33 4.15
C LEU A 306 11.92 3.62 4.92
N GLN A 307 12.74 4.46 4.32
CA GLN A 307 13.18 5.69 4.94
C GLN A 307 12.40 6.84 4.34
N ARG A 308 11.63 7.51 5.21
CA ARG A 308 10.80 8.63 4.83
C ARG A 308 11.65 9.83 4.40
N ASN A 309 11.19 10.54 3.37
CA ASN A 309 11.89 11.74 2.90
C ASN A 309 11.71 12.86 3.91
N PRO A 310 12.79 13.46 4.42
CA PRO A 310 12.62 14.46 5.51
C PRO A 310 11.98 15.75 5.06
N ILE A 311 12.05 16.08 3.77
CA ILE A 311 11.52 17.34 3.24
C ILE A 311 10.18 17.13 2.59
N TRP A 312 10.10 16.21 1.63
CA TRP A 312 8.87 15.91 0.90
C TRP A 312 8.17 14.74 1.61
N ARG A 313 7.24 15.09 2.49
CA ARG A 313 6.67 14.20 3.49
C ARG A 313 5.73 13.15 2.92
N ARG A 314 5.45 13.20 1.63
CA ARG A 314 4.68 12.15 0.99
C ARG A 314 5.56 11.13 0.30
N HIS A 315 6.86 11.24 0.45
CA HIS A 315 7.80 10.44 -0.33
C HIS A 315 8.72 9.64 0.60
N LEU A 316 9.40 8.66 0.02
CA LEU A 316 10.33 7.85 0.80
C LEU A 316 11.34 7.24 -0.15
N SER A 317 12.41 6.70 0.44
CA SER A 317 13.44 5.96 -0.27
C SER A 317 13.47 4.55 0.28
N ILE A 318 13.56 3.57 -0.61
CA ILE A 318 13.63 2.18 -0.23
C ILE A 318 15.03 1.67 -0.50
N THR A 319 15.72 1.23 0.55
CA THR A 319 17.10 0.77 0.47
C THR A 319 17.17 -0.72 0.73
N PHE A 320 17.78 -1.45 -0.21
CA PHE A 320 17.99 -2.89 -0.13
C PHE A 320 19.44 -3.16 0.21
N LEU A 321 19.69 -4.05 1.16
CA LEU A 321 21.01 -4.62 1.43
C LEU A 321 20.89 -6.12 1.27
N TRP A 322 21.78 -6.74 0.51
CA TRP A 322 21.68 -8.18 0.33
C TRP A 322 23.04 -8.81 0.10
N ASN A 323 23.07 -10.13 0.27
CA ASN A 323 24.28 -10.94 0.23
C ASN A 323 23.90 -12.32 -0.28
N ILE A 324 24.79 -12.91 -1.08
CA ILE A 324 24.52 -14.20 -1.70
C ILE A 324 25.52 -15.21 -1.17
N ASN A 325 25.03 -16.19 -0.41
CA ASN A 325 25.82 -17.28 0.14
C ASN A 325 27.07 -16.80 0.87
N SER A 326 27.04 -15.60 1.43
CA SER A 326 28.15 -15.11 2.23
C SER A 326 27.61 -14.25 3.36
N THR A 327 28.41 -14.15 4.42
CA THR A 327 28.08 -13.33 5.58
C THR A 327 29.12 -12.25 5.82
N GLU A 328 29.94 -11.93 4.82
CA GLU A 328 31.06 -11.03 4.97
C GLU A 328 30.69 -9.60 4.58
N VAL A 329 31.36 -8.62 5.20
CA VAL A 329 31.06 -7.22 4.95
C VAL A 329 31.39 -6.82 3.52
N SER A 330 32.39 -7.44 2.90
CA SER A 330 32.89 -7.06 1.58
C SER A 330 32.12 -7.66 0.41
N THR A 331 31.29 -8.67 0.65
CA THR A 331 30.37 -9.16 -0.36
C THR A 331 28.99 -8.56 -0.21
N VAL A 332 28.84 -7.50 0.60
CA VAL A 332 27.51 -6.95 0.86
C VAL A 332 27.18 -5.85 -0.15
N LYS A 333 26.11 -6.06 -0.96
CA LYS A 333 25.63 -5.06 -1.93
C LYS A 333 24.47 -4.24 -1.35
N THR A 334 24.37 -2.99 -1.81
CA THR A 334 23.29 -2.08 -1.45
C THR A 334 22.77 -1.36 -2.70
N LYS A 335 21.50 -0.95 -2.66
CA LYS A 335 20.91 -0.11 -3.69
C LYS A 335 19.68 0.61 -3.13
N CYS A 336 19.58 1.90 -3.45
CA CYS A 336 18.56 2.79 -2.89
C CYS A 336 17.65 3.26 -4.02
N PHE A 337 16.34 3.04 -3.87
CA PHE A 337 15.35 3.45 -4.85
C PHE A 337 14.53 4.61 -4.31
N PRO A 338 14.51 5.76 -4.97
CA PRO A 338 13.61 6.84 -4.56
C PRO A 338 12.18 6.57 -4.96
N MET A 339 11.26 7.09 -4.15
CA MET A 339 9.83 6.91 -4.44
C MET A 339 9.08 8.12 -3.88
N TRP A 340 9.08 9.21 -4.65
CA TRP A 340 9.77 9.34 -5.93
C TRP A 340 10.94 10.31 -5.85
N ARG A 341 10.99 11.08 -4.77
CA ARG A 341 12.07 12.04 -4.56
C ARG A 341 13.04 11.48 -3.54
N SFG B . -12.65 5.36 0.79
CA SFG B . -12.61 5.88 -0.61
C SFG B . -12.87 4.81 -1.52
O SFG B . -12.67 3.57 -1.14
OXT SFG B . -13.34 5.02 -2.75
CB SFG B . -11.27 6.52 -0.96
CG SFG B . -10.04 6.19 -0.09
CD SFG B . -8.83 6.71 -0.67
NE SFG B . -7.79 5.69 -0.64
C5' SFG B . -8.21 7.93 0.05
C4' SFG B . -9.11 9.12 0.21
O4' SFG B . -8.78 9.73 1.49
C3' SFG B . -8.96 10.14 -0.81
O3' SFG B . -10.20 10.54 -1.33
C2' SFG B . -8.28 11.28 -0.12
O2' SFG B . -8.74 12.50 -0.58
C1' SFG B . -8.65 11.12 1.28
N9 SFG B . -7.71 11.61 2.20
C8 SFG B . -6.41 11.36 2.26
N7 SFG B . -5.90 12.01 3.30
C5 SFG B . -6.91 12.67 3.90
C6 SFG B . -6.99 13.49 5.04
N6 SFG B . -5.82 13.81 5.81
N1 SFG B . -8.17 14.00 5.40
C2 SFG B . -9.28 13.73 4.68
N3 SFG B . -9.23 12.94 3.61
C4 SFG B . -8.07 12.41 3.20
O1 MES C . -2.75 11.35 -6.56
C2 MES C . -1.71 10.65 -7.24
C3 MES C . -1.86 9.13 -7.14
N4 MES C . -2.01 8.70 -5.78
C5 MES C . -3.08 9.37 -5.10
C6 MES C . -2.98 10.90 -5.21
C7 MES C . -2.20 7.21 -5.72
C8 MES C . -0.84 6.53 -5.50
S MES C . -0.96 4.77 -5.03
O1S MES C . 0.33 4.32 -4.39
O2S MES C . -0.99 3.85 -6.22
O3S MES C . -2.14 4.52 -4.13
O1 MES D . 0.68 13.42 -3.91
C2 MES D . 1.55 14.56 -3.86
C3 MES D . 2.32 14.73 -5.17
N4 MES D . 2.99 13.53 -5.56
C5 MES D . 2.18 12.35 -5.51
C6 MES D . 1.41 12.22 -4.20
C7 MES D . 3.42 13.68 -6.97
C8 MES D . 4.82 13.10 -7.09
S MES D . 5.99 14.48 -7.32
O1S MES D . 7.31 13.97 -7.82
O2S MES D . 6.39 15.13 -6.01
O3S MES D . 5.37 15.49 -8.25
C1 EDO E . 25.27 -2.93 -19.17
O1 EDO E . 25.49 -4.26 -19.65
C2 EDO E . 26.63 -2.30 -18.82
O2 EDO E . 26.41 -0.97 -18.31
C1 EDO F . 7.49 -2.36 13.00
O1 EDO F . 8.64 -2.95 12.38
C2 EDO F . 7.97 -1.50 14.15
O2 EDO F . 6.83 -0.83 14.73
LI LI G . 5.17 26.79 -1.68
#